data_5O5H
#
_entry.id   5O5H
#
_cell.length_a   61.027
_cell.length_b   61.027
_cell.length_c   63.787
_cell.angle_alpha   90.00
_cell.angle_beta   90.00
_cell.angle_gamma   120.00
#
_symmetry.space_group_name_H-M   'P 32 2 1'
#
loop_
_entity.id
_entity.type
_entity.pdbx_description
1 polymer Peregrin
2 non-polymer ~{N}-[6-(4-chloranylphenoxy)pyridin-3-yl]-2,4-dimethyl-1,3-oxazole-5-carboxamide
3 non-polymer 'NITRATE ION'
4 water water
#
_entity_poly.entity_id   1
_entity_poly.type   'polypeptide(L)'
_entity_poly.pdbx_seq_one_letter_code
;SMEMQLTPFLILLRKTLEQLQEKDTGNIFSEPVPLSEVPDYLDHIKKPMDFFTMKQNLEAYRYLNFDDFEEDFNLIVSNC
LKYNAKDTIFYRAAVRLREQGGAVLRQARRQAEKMG
;
_entity_poly.pdbx_strand_id   A
#
loop_
_chem_comp.id
_chem_comp.type
_chem_comp.name
_chem_comp.formula
9LK non-polymer ~{N}-[6-(4-chloranylphenoxy)pyridin-3-yl]-2,4-dimethyl-1,3-oxazole-5-carboxamide 'C17 H14 Cl N3 O3'
NO3 non-polymer 'NITRATE ION' 'N O3 -1'
#
# COMPACT_ATOMS: atom_id res chain seq x y z
N MET A 4 -10.14 21.91 -6.20
CA MET A 4 -9.28 21.25 -5.21
C MET A 4 -7.81 21.52 -5.56
N GLN A 5 -7.03 21.90 -4.54
CA GLN A 5 -5.65 22.30 -4.75
C GLN A 5 -4.73 21.13 -4.45
N LEU A 6 -3.59 21.07 -5.16
CA LEU A 6 -2.78 19.85 -5.14
C LEU A 6 -2.05 19.66 -3.81
N THR A 7 -1.50 20.72 -3.24
CA THR A 7 -0.65 20.51 -2.07
C THR A 7 -1.39 19.98 -0.83
N PRO A 8 -2.61 20.47 -0.50
CA PRO A 8 -3.33 19.84 0.61
C PRO A 8 -3.64 18.37 0.37
N PHE A 9 -3.99 18.02 -0.86
CA PHE A 9 -4.28 16.63 -1.18
C PHE A 9 -3.05 15.75 -0.97
N LEU A 10 -1.90 16.20 -1.45
CA LEU A 10 -0.67 15.43 -1.25
C LEU A 10 -0.31 15.36 0.22
N ILE A 11 -0.58 16.42 0.98
CA ILE A 11 -0.37 16.37 2.42
C ILE A 11 -1.21 15.27 3.03
N LEU A 12 -2.47 15.17 2.61
CA LEU A 12 -3.36 14.11 3.09
C LEU A 12 -2.84 12.73 2.72
N LEU A 13 -2.37 12.56 1.47
CA LEU A 13 -1.87 11.25 1.07
C LEU A 13 -0.62 10.88 1.84
N ARG A 14 0.28 11.85 2.11
CA ARG A 14 1.48 11.54 2.87
C ARG A 14 1.11 11.07 4.28
N LYS A 15 0.15 11.73 4.92
CA LYS A 15 -0.30 11.31 6.25
C LYS A 15 -0.94 9.93 6.20
N THR A 16 -1.73 9.67 5.15
CA THR A 16 -2.42 8.40 5.03
C THR A 16 -1.43 7.27 4.80
N LEU A 17 -0.38 7.51 4.02
CA LEU A 17 0.63 6.49 3.80
C LEU A 17 1.37 6.17 5.11
N GLU A 18 1.66 7.21 5.90
CA GLU A 18 2.27 6.96 7.20
C GLU A 18 1.37 6.11 8.08
N GLN A 19 0.05 6.36 8.06
CA GLN A 19 -0.88 5.60 8.90
C GLN A 19 -0.99 4.16 8.45
N LEU A 20 -0.98 3.92 7.13
CA LEU A 20 -0.96 2.56 6.61
C LEU A 20 0.31 1.83 7.02
N GLN A 21 1.46 2.51 6.89
CA GLN A 21 2.73 1.89 7.27
C GLN A 21 2.73 1.48 8.73
N GLU A 22 2.05 2.25 9.59
CA GLU A 22 2.00 1.92 11.01
C GLU A 22 1.26 0.62 11.25
N LYS A 23 0.23 0.33 10.46
CA LYS A 23 -0.48 -0.94 10.57
C LYS A 23 0.40 -2.14 10.22
N ASP A 24 1.48 -1.90 9.50
CA ASP A 24 2.44 -2.95 9.12
C ASP A 24 3.53 -3.02 10.18
N THR A 25 3.14 -3.53 11.35
CA THR A 25 4.04 -3.47 12.49
C THR A 25 5.25 -4.36 12.29
N GLY A 26 5.11 -5.41 11.49
CA GLY A 26 6.27 -6.24 11.16
C GLY A 26 7.18 -5.67 10.12
N ASN A 27 6.77 -4.57 9.48
CA ASN A 27 7.55 -3.97 8.40
C ASN A 27 7.77 -4.93 7.25
N ILE A 28 6.80 -5.80 6.94
CA ILE A 28 7.03 -6.71 5.82
C ILE A 28 6.58 -6.11 4.50
N PHE A 29 5.85 -4.99 4.51
CA PHE A 29 5.40 -4.33 3.31
C PHE A 29 6.09 -2.99 3.08
N SER A 30 7.14 -2.67 3.85
CA SER A 30 7.74 -1.34 3.79
CA SER A 30 7.75 -1.34 3.79
C SER A 30 8.68 -1.17 2.59
N GLU A 31 9.25 -2.26 2.12
CA GLU A 31 10.21 -2.26 1.03
C GLU A 31 9.87 -3.36 0.05
N PRO A 32 10.32 -3.25 -1.20
CA PRO A 32 10.08 -4.32 -2.17
C PRO A 32 10.49 -5.69 -1.61
N VAL A 33 9.78 -6.72 -2.05
CA VAL A 33 10.12 -8.10 -1.72
C VAL A 33 11.49 -8.37 -2.32
N PRO A 34 12.49 -8.77 -1.52
CA PRO A 34 13.86 -8.88 -2.06
C PRO A 34 14.03 -10.07 -3.00
N LEU A 35 14.23 -9.79 -4.29
CA LEU A 35 14.38 -10.86 -5.26
C LEU A 35 15.59 -11.74 -4.98
N SER A 36 16.60 -11.21 -4.27
CA SER A 36 17.75 -12.04 -3.91
C SER A 36 17.32 -13.20 -3.04
N GLU A 37 16.32 -13.00 -2.17
CA GLU A 37 15.82 -14.08 -1.33
C GLU A 37 14.63 -14.79 -1.95
N VAL A 38 13.84 -14.10 -2.77
CA VAL A 38 12.68 -14.69 -3.42
C VAL A 38 12.88 -14.59 -4.93
N PRO A 39 13.73 -15.42 -5.52
CA PRO A 39 14.09 -15.20 -6.93
C PRO A 39 12.96 -15.45 -7.91
N ASP A 40 11.96 -16.26 -7.57
CA ASP A 40 10.84 -16.53 -8.46
C ASP A 40 9.70 -15.53 -8.32
N TYR A 41 9.91 -14.46 -7.56
CA TYR A 41 8.79 -13.57 -7.23
C TYR A 41 8.14 -12.98 -8.48
N LEU A 42 8.95 -12.48 -9.42
CA LEU A 42 8.40 -11.85 -10.63
C LEU A 42 7.79 -12.84 -11.61
N ASP A 43 8.02 -14.14 -11.43
CA ASP A 43 7.35 -15.12 -12.29
C ASP A 43 5.85 -15.12 -12.06
N HIS A 44 5.41 -14.79 -10.84
CA HIS A 44 4.01 -14.81 -10.46
C HIS A 44 3.41 -13.43 -10.24
N ILE A 45 4.21 -12.45 -9.82
CA ILE A 45 3.71 -11.12 -9.48
C ILE A 45 4.12 -10.17 -10.59
N LYS A 46 3.14 -9.64 -11.33
CA LYS A 46 3.44 -8.81 -12.48
C LYS A 46 3.59 -7.33 -12.13
N LYS A 47 3.05 -6.86 -11.01
CA LYS A 47 3.30 -5.48 -10.58
C LYS A 47 3.59 -5.47 -9.08
N PRO A 48 4.84 -5.65 -8.70
CA PRO A 48 5.20 -5.55 -7.29
C PRO A 48 4.87 -4.16 -6.76
N MET A 49 4.61 -4.09 -5.47
CA MET A 49 4.32 -2.81 -4.83
C MET A 49 4.63 -2.94 -3.34
N ASP A 50 4.98 -1.81 -2.73
CA ASP A 50 5.42 -1.71 -1.35
C ASP A 50 5.31 -0.25 -0.92
N PHE A 51 5.42 -0.01 0.38
CA PHE A 51 5.18 1.35 0.86
C PHE A 51 6.27 2.33 0.44
N PHE A 52 7.52 1.86 0.32
CA PHE A 52 8.57 2.76 -0.12
C PHE A 52 8.34 3.19 -1.57
N THR A 53 8.03 2.23 -2.44
CA THR A 53 7.68 2.56 -3.82
C THR A 53 6.47 3.48 -3.89
N MET A 54 5.46 3.25 -3.03
CA MET A 54 4.31 4.13 -3.01
C MET A 54 4.72 5.56 -2.65
N LYS A 55 5.66 5.70 -1.71
CA LYS A 55 6.16 7.03 -1.36
C LYS A 55 6.82 7.70 -2.58
N GLN A 56 7.60 6.94 -3.34
N GLN A 56 7.59 6.94 -3.35
CA GLN A 56 8.21 7.49 -4.55
CA GLN A 56 8.21 7.49 -4.55
C GLN A 56 7.15 7.90 -5.56
C GLN A 56 7.16 7.90 -5.58
N ASN A 57 6.13 7.07 -5.77
CA ASN A 57 5.06 7.39 -6.72
C ASN A 57 4.31 8.65 -6.29
N LEU A 58 3.98 8.73 -4.99
CA LEU A 58 3.34 9.92 -4.44
C LEU A 58 4.09 11.18 -4.85
N GLU A 59 5.40 11.21 -4.62
CA GLU A 59 6.15 12.43 -4.92
C GLU A 59 6.29 12.65 -6.42
N ALA A 60 6.24 11.59 -7.22
CA ALA A 60 6.26 11.71 -8.68
C ALA A 60 4.87 12.04 -9.27
N TYR A 61 3.92 12.44 -8.43
CA TYR A 61 2.60 12.92 -8.84
C TYR A 61 1.79 11.84 -9.53
N ARG A 62 2.04 10.59 -9.20
CA ARG A 62 1.27 9.59 -9.90
C ARG A 62 -0.04 9.30 -9.18
N TYR A 63 -0.26 9.87 -7.98
CA TYR A 63 -1.53 9.78 -7.26
C TYR A 63 -2.17 11.18 -7.21
N LEU A 64 -3.02 11.47 -8.19
CA LEU A 64 -3.75 12.72 -8.23
C LEU A 64 -5.21 12.55 -7.83
N ASN A 65 -5.59 11.34 -7.41
CA ASN A 65 -6.91 11.06 -6.88
C ASN A 65 -6.77 9.89 -5.92
N PHE A 66 -7.76 9.77 -5.03
CA PHE A 66 -7.65 8.74 -4.01
C PHE A 66 -7.67 7.34 -4.61
N ASP A 67 -8.40 7.14 -5.71
CA ASP A 67 -8.54 5.81 -6.29
C ASP A 67 -7.20 5.22 -6.68
N ASP A 68 -6.33 6.01 -7.29
CA ASP A 68 -5.06 5.46 -7.74
C ASP A 68 -4.13 5.15 -6.57
N PHE A 69 -4.16 6.00 -5.54
CA PHE A 69 -3.47 5.69 -4.29
C PHE A 69 -3.92 4.35 -3.73
N GLU A 70 -5.23 4.20 -3.52
CA GLU A 70 -5.80 2.99 -2.95
C GLU A 70 -5.51 1.78 -3.83
N GLU A 71 -5.42 1.97 -5.15
CA GLU A 71 -5.13 0.85 -6.04
C GLU A 71 -3.77 0.24 -5.76
N ASP A 72 -2.73 1.07 -5.61
CA ASP A 72 -1.42 0.55 -5.27
C ASP A 72 -1.37 -0.04 -3.85
N PHE A 73 -2.14 0.49 -2.90
CA PHE A 73 -2.23 -0.19 -1.62
C PHE A 73 -2.84 -1.58 -1.78
N ASN A 74 -3.92 -1.67 -2.56
CA ASN A 74 -4.56 -2.96 -2.80
C ASN A 74 -3.60 -3.95 -3.47
N LEU A 75 -2.70 -3.45 -4.33
CA LEU A 75 -1.69 -4.34 -4.92
C LEU A 75 -0.78 -4.94 -3.84
N ILE A 76 -0.39 -4.16 -2.84
CA ILE A 76 0.45 -4.69 -1.77
C ILE A 76 -0.22 -5.90 -1.14
N VAL A 77 -1.53 -5.78 -0.89
CA VAL A 77 -2.30 -6.86 -0.27
C VAL A 77 -2.47 -8.04 -1.23
N SER A 78 -2.92 -7.78 -2.46
CA SER A 78 -3.26 -8.89 -3.34
CA SER A 78 -3.26 -8.89 -3.36
C SER A 78 -2.00 -9.65 -3.82
N ASN A 79 -0.91 -8.94 -4.06
CA ASN A 79 0.35 -9.64 -4.37
C ASN A 79 0.68 -10.63 -3.26
N CYS A 80 0.46 -10.23 -2.00
CA CYS A 80 0.86 -11.05 -0.87
C CYS A 80 -0.08 -12.23 -0.70
N LEU A 81 -1.39 -12.02 -0.91
CA LEU A 81 -2.32 -13.15 -0.85
C LEU A 81 -2.03 -14.11 -1.99
N LYS A 82 -1.68 -13.56 -3.16
CA LYS A 82 -1.42 -14.39 -4.33
C LYS A 82 -0.18 -15.26 -4.14
N TYR A 83 0.94 -14.67 -3.73
CA TYR A 83 2.20 -15.40 -3.77
C TYR A 83 2.32 -16.42 -2.63
N ASN A 84 1.80 -16.07 -1.44
CA ASN A 84 2.05 -16.85 -0.23
C ASN A 84 0.93 -17.84 0.06
N ALA A 85 1.29 -19.01 0.59
CA ALA A 85 0.28 -20.00 0.94
C ALA A 85 -0.58 -19.49 2.10
N LYS A 86 -1.80 -20.01 2.18
CA LYS A 86 -2.74 -19.49 3.17
C LYS A 86 -2.26 -19.72 4.60
N ASP A 87 -1.43 -20.73 4.83
CA ASP A 87 -1.04 -21.06 6.20
C ASP A 87 0.22 -20.33 6.65
N THR A 88 0.60 -19.26 5.96
CA THR A 88 1.82 -18.56 6.29
C THR A 88 1.53 -17.32 7.09
N ILE A 89 2.58 -16.83 7.76
CA ILE A 89 2.49 -15.54 8.43
C ILE A 89 2.26 -14.42 7.43
N PHE A 90 2.96 -14.45 6.30
CA PHE A 90 2.79 -13.41 5.28
C PHE A 90 1.34 -13.28 4.85
N TYR A 91 0.68 -14.42 4.59
CA TYR A 91 -0.70 -14.35 4.10
C TYR A 91 -1.61 -13.72 5.15
N ARG A 92 -1.52 -14.20 6.40
CA ARG A 92 -2.33 -13.61 7.47
C ARG A 92 -2.01 -12.13 7.66
N ALA A 93 -0.74 -11.74 7.52
CA ALA A 93 -0.38 -10.32 7.62
C ALA A 93 -1.08 -9.48 6.55
N ALA A 94 -1.19 -10.02 5.34
CA ALA A 94 -1.91 -9.30 4.29
C ALA A 94 -3.40 -9.19 4.62
N VAL A 95 -4.01 -10.26 5.14
CA VAL A 95 -5.40 -10.18 5.54
C VAL A 95 -5.57 -9.09 6.61
N ARG A 96 -4.68 -9.06 7.59
CA ARG A 96 -4.79 -8.04 8.65
C ARG A 96 -4.57 -6.64 8.09
N LEU A 97 -3.59 -6.47 7.19
CA LEU A 97 -3.39 -5.16 6.57
C LEU A 97 -4.62 -4.73 5.78
N ARG A 98 -5.23 -5.65 5.04
CA ARG A 98 -6.44 -5.31 4.29
C ARG A 98 -7.51 -4.76 5.23
N GLU A 99 -7.70 -5.38 6.39
CA GLU A 99 -8.75 -4.95 7.30
C GLU A 99 -8.40 -3.61 7.95
N GLN A 100 -7.24 -3.55 8.59
CA GLN A 100 -6.84 -2.33 9.28
C GLN A 100 -6.58 -1.18 8.30
N GLY A 101 -6.00 -1.50 7.15
CA GLY A 101 -5.75 -0.48 6.14
C GLY A 101 -7.01 0.06 5.51
N GLY A 102 -8.05 -0.78 5.39
CA GLY A 102 -9.29 -0.32 4.81
C GLY A 102 -9.97 0.75 5.66
N ALA A 103 -9.93 0.58 6.97
CA ALA A 103 -10.45 1.60 7.87
C ALA A 103 -9.68 2.93 7.72
N VAL A 104 -8.34 2.86 7.65
CA VAL A 104 -7.53 4.06 7.46
C VAL A 104 -7.91 4.76 6.15
N LEU A 105 -8.10 3.98 5.10
CA LEU A 105 -8.38 4.55 3.78
C LEU A 105 -9.77 5.17 3.73
N ARG A 106 -10.73 4.57 4.42
CA ARG A 106 -12.10 5.10 4.38
C ARG A 106 -12.18 6.46 5.07
N GLN A 107 -11.53 6.60 6.23
CA GLN A 107 -11.52 7.90 6.91
C GLN A 107 -10.76 8.95 6.11
N ALA A 108 -9.62 8.57 5.53
CA ALA A 108 -8.86 9.50 4.70
C ALA A 108 -9.67 9.97 3.48
N ARG A 109 -10.46 9.06 2.88
CA ARG A 109 -11.22 9.42 1.69
C ARG A 109 -12.31 10.43 2.01
N ARG A 110 -12.97 10.27 3.16
N ARG A 110 -12.95 10.31 3.18
CA ARG A 110 -13.94 11.27 3.61
CA ARG A 110 -13.96 11.29 3.55
C ARG A 110 -13.28 12.63 3.79
C ARG A 110 -13.33 12.64 3.89
N GLN A 111 -12.06 12.64 4.32
CA GLN A 111 -11.33 13.90 4.48
C GLN A 111 -11.08 14.55 3.12
N ALA A 112 -10.65 13.73 2.15
CA ALA A 112 -10.44 14.22 0.78
C ALA A 112 -11.73 14.75 0.18
N GLU A 113 -12.85 14.03 0.38
CA GLU A 113 -14.12 14.44 -0.22
C GLU A 113 -14.60 15.80 0.29
N LYS A 114 -14.13 16.23 1.46
CA LYS A 114 -14.45 17.55 1.99
C LYS A 114 -13.64 18.67 1.34
N MET A 115 -12.62 18.35 0.57
CA MET A 115 -11.74 19.38 0.02
C MET A 115 -12.37 20.02 -1.22
CAA 9LK B . 4.92 -9.41 1.68
CAB 9LK B . 7.18 -13.41 -0.32
CAE 9LK B . 17.53 -12.95 5.22
CAF 9LK B . 15.49 -13.77 6.18
CAG 9LK B . 11.97 -11.77 2.40
CAH 9LK B . 16.84 -11.86 4.69
CAI 9LK B . 14.79 -12.68 5.65
CAJ 9LK B . 13.27 -11.69 2.90
CAK 9LK B . 11.35 -9.94 3.78
CAQ 9LK B . 9.15 -11.78 1.57
CAR 9LK B . 16.85 -13.90 5.96
CAS 9LK B . 5.99 -10.44 1.34
CAT 9LK B . 10.98 -10.89 2.83
CAU 9LK B . 6.98 -12.14 0.52
CAV 9LK B . 15.48 -11.72 4.90
CAW 9LK B . 13.60 -10.74 3.86
CAX 9LK B . 7.86 -11.50 1.30
NAL 9LK B . 12.66 -9.88 4.28
NAM 9LK B . 5.81 -11.48 0.53
NAN 9LK B . 9.70 -10.86 2.40
OAC 9LK B . 9.70 -12.79 1.14
OAO 9LK B . 14.85 -10.63 4.37
OAP 9LK B . 7.22 -10.41 1.82
CL 9LK B . 17.72 -15.25 6.62
CAA 9LK C . 4.99 -9.18 1.36
CAB 9LK C . 7.25 -13.26 -0.49
CAE 9LK C . 16.60 -9.35 3.03
CAF 9LK C . 17.82 -11.28 3.82
CAG 9LK C . 11.83 -11.95 2.66
CAH 9LK C . 15.48 -9.78 3.72
CAI 9LK C . 16.70 -11.71 4.51
CAJ 9LK C . 13.03 -12.05 3.35
CAK 9LK C . 11.09 -10.31 4.23
CAQ 9LK C . 9.07 -11.82 1.67
CAR 9LK C . 17.78 -10.10 3.07
CAS 9LK C . 6.03 -10.28 1.13
CAT 9LK C . 10.84 -11.07 3.09
CAU 9LK C . 7.03 -12.01 0.35
CAV 9LK C . 15.52 -10.95 4.46
CAW 9LK C . 13.26 -11.28 4.48
CAX 9LK C . 7.85 -11.43 1.25
NAL 9LK C . 12.31 -10.44 4.92
NAM 9LK C . 5.91 -11.28 0.27
NAN 9LK C . 9.63 -10.90 2.50
OAC 9LK C . 9.55 -12.92 1.38
OAO 9LK C . 14.43 -11.39 5.17
OAP 9LK C . 7.21 -10.32 1.75
CL 9LK C . 19.18 -9.58 2.21
N NO3 D . -8.62 -13.88 2.73
O1 NO3 D . -7.87 -13.15 1.76
O2 NO3 D . -9.81 -13.22 3.45
O3 NO3 D . -8.34 -15.31 3.01
#